data_3W6Y
#
_entry.id   3W6Y
#
_cell.length_a   68.032
_cell.length_b   71.840
_cell.length_c   129.531
_cell.angle_alpha   90.00
_cell.angle_beta   90.00
_cell.angle_gamma   90.00
#
_symmetry.space_group_name_H-M   'P 21 21 21'
#
loop_
_entity.id
_entity.type
_entity.pdbx_description
1 polymer 'Dihydroorotate dehydrogenase (fumarate)'
2 non-polymer '5-[2-(5-carboxynaphthalen-2-yl)ethyl]-2,6-dioxo-1,2,3,6-tetrahydropyrimidine-4-carboxylic acid'
3 non-polymer GLYCEROL
4 non-polymer 'FLAVIN MONONUCLEOTIDE'
5 non-polymer 'COBALT HEXAMMINE(III)'
6 water water
#
_entity_poly.entity_id   1
_entity_poly.type   'polypeptide(L)'
_entity_poly.pdbx_seq_one_letter_code
;MCLKLNLLDHVFANPFMNAAGVLCSTEEDLRCMTASSSGALVSKSCTSAPRDGNPEPRYMAFPLGSINSMGLPNLGFDFY
LKYASDLHDYSKKPLFLSISGLSVEENVAMVRRLAPVAQEKGVLLELNLSCPNVPGKPQVAYDFEAMRTYLQQVSLAYGL
PFGVKMPPYFDIAHFDTAAAVLNEFPLVKFVTCVNSVGNGLVIDAESESVVIKPKQGFGGLGGKYILPTALANVNAFYRR
CPDKLVFGCGGVYSGEDAFLHILAGASMVQVGTALQEEGPGIFTRLEDELLEIMARKGYRTLEEFRGRVKTIE
;
_entity_poly.pdbx_strand_id   A,B
#
# COMPACT_ATOMS: atom_id res chain seq x y z
N MET A 1 13.05 30.95 -16.15
CA MET A 1 13.07 29.57 -15.57
C MET A 1 13.19 29.59 -14.03
N CYS A 2 12.06 29.35 -13.35
CA CYS A 2 11.97 29.45 -11.88
C CYS A 2 11.04 28.40 -11.27
N LEU A 3 11.11 28.24 -9.95
CA LEU A 3 10.26 27.30 -9.23
C LEU A 3 9.16 27.95 -8.39
N LYS A 4 9.01 29.26 -8.50
CA LYS A 4 8.18 30.08 -7.61
C LYS A 4 6.70 29.67 -7.63
N LEU A 5 6.04 29.78 -6.47
CA LEU A 5 4.60 29.52 -6.38
C LEU A 5 3.94 30.53 -5.50
N ASN A 6 2.74 30.93 -5.89
CA ASN A 6 1.83 31.65 -5.00
C ASN A 6 0.63 30.81 -4.72
N LEU A 7 0.34 30.58 -3.45
CA LEU A 7 -0.92 29.96 -3.11
C LEU A 7 -1.30 30.21 -1.69
N LEU A 8 -2.59 30.07 -1.40
CA LEU A 8 -3.09 30.25 -0.05
C LEU A 8 -2.56 31.59 0.45
N ASP A 9 -2.59 32.55 -0.46
CA ASP A 9 -2.03 33.88 -0.22
C ASP A 9 -0.60 33.95 0.32
N HIS A 10 0.24 32.98 -0.05
CA HIS A 10 1.65 33.08 0.30
C HIS A 10 2.51 32.85 -0.91
N VAL A 11 3.70 33.45 -0.89
CA VAL A 11 4.69 33.23 -1.94
C VAL A 11 5.77 32.25 -1.48
N PHE A 12 6.07 31.28 -2.36
CA PHE A 12 7.05 30.22 -2.10
C PHE A 12 8.14 30.15 -3.13
N ALA A 13 9.39 30.14 -2.68
CA ALA A 13 10.54 30.18 -3.58
C ALA A 13 10.59 28.96 -4.43
N ASN A 14 10.41 27.81 -3.81
CA ASN A 14 10.31 26.52 -4.52
C ASN A 14 9.06 25.80 -3.98
N PRO A 15 8.72 24.62 -4.50
CA PRO A 15 7.61 23.80 -3.96
C PRO A 15 8.03 22.72 -2.95
N PHE A 16 9.34 22.60 -2.70
CA PHE A 16 9.87 21.60 -1.76
C PHE A 16 9.75 22.01 -0.30
N MET A 17 9.10 21.15 0.48
CA MET A 17 9.02 21.33 1.92
C MET A 17 9.23 19.98 2.56
N ASN A 18 9.40 19.95 3.88
CA ASN A 18 9.57 18.70 4.57
C ASN A 18 8.22 18.05 4.81
N ALA A 19 8.23 16.75 5.09
CA ALA A 19 7.00 16.02 5.43
C ALA A 19 6.83 16.15 6.92
N ALA A 20 5.59 16.17 7.40
CA ALA A 20 5.39 16.37 8.83
C ALA A 20 6.11 15.22 9.62
N GLY A 21 6.67 15.60 10.77
CA GLY A 21 7.43 14.69 11.61
C GLY A 21 8.91 14.53 11.26
N VAL A 22 9.33 14.99 10.09
CA VAL A 22 10.74 14.90 9.74
C VAL A 22 11.38 16.26 10.02
N LEU A 23 12.46 16.22 10.77
CA LEU A 23 13.26 17.41 11.10
C LEU A 23 12.36 18.59 11.40
N CYS A 24 11.52 18.44 12.40
CA CYS A 24 10.56 19.50 12.73
C CYS A 24 9.89 19.33 14.10
N SER A 25 10.57 18.76 15.08
CA SER A 25 9.96 18.52 16.38
C SER A 25 10.38 19.54 17.41
N THR A 26 11.63 19.99 17.28
CA THR A 26 12.25 20.87 18.23
C THR A 26 12.49 22.24 17.62
N GLU A 27 12.79 23.22 18.48
CA GLU A 27 13.21 24.54 18.00
C GLU A 27 14.50 24.44 17.18
N GLU A 28 15.37 23.49 17.51
CA GLU A 28 16.58 23.27 16.74
C GLU A 28 16.15 22.83 15.37
N ASP A 29 15.29 21.82 15.32
CA ASP A 29 14.83 21.28 14.05
C ASP A 29 14.25 22.39 13.19
N LEU A 30 13.39 23.21 13.79
CA LEU A 30 12.66 24.20 13.01
C LEU A 30 13.58 25.30 12.46
N ARG A 31 14.53 25.76 13.25
CA ARG A 31 15.47 26.78 12.79
C ARG A 31 16.27 26.24 11.61
N CYS A 32 16.70 24.98 11.73
CA CYS A 32 17.45 24.27 10.68
C CYS A 32 16.68 24.11 9.36
N MET A 33 15.37 23.87 9.46
CA MET A 33 14.50 23.79 8.29
C MET A 33 14.34 25.17 7.66
N THR A 34 14.16 26.18 8.48
CA THR A 34 14.13 27.57 8.01
C THR A 34 15.47 28.04 7.44
N ALA A 35 16.58 27.66 8.06
CA ALA A 35 17.90 27.94 7.48
C ALA A 35 18.15 27.20 6.16
N SER A 36 17.34 26.18 5.88
CA SER A 36 17.47 25.38 4.63
C SER A 36 16.90 26.13 3.43
N SER A 37 17.02 25.50 2.27
CA SER A 37 16.57 26.13 1.05
C SER A 37 15.21 25.56 0.63
N SER A 38 14.53 24.95 1.61
CA SER A 38 13.17 24.46 1.44
C SER A 38 12.30 25.61 1.13
N GLY A 39 11.32 25.39 0.28
CA GLY A 39 10.26 26.39 0.05
C GLY A 39 9.43 26.74 1.28
N ALA A 40 9.13 25.75 2.12
CA ALA A 40 8.25 25.93 3.28
C ALA A 40 8.75 25.07 4.45
N LEU A 41 7.98 25.00 5.53
CA LEU A 41 8.20 23.98 6.52
C LEU A 41 6.90 23.71 7.28
N VAL A 42 6.89 22.58 7.97
CA VAL A 42 5.76 22.13 8.70
C VAL A 42 6.25 21.43 9.96
N SER A 43 5.61 21.77 11.09
CA SER A 43 6.00 21.27 12.38
C SER A 43 5.43 19.86 12.61
N LYS A 44 6.18 19.05 13.33
CA LYS A 44 5.72 17.75 13.81
C LYS A 44 4.31 17.90 14.34
N SER A 45 3.45 16.90 14.07
CA SER A 45 2.05 16.95 14.47
C SER A 45 1.95 17.07 15.95
N CYS A 46 1.03 17.88 16.44
CA CYS A 46 0.92 18.04 17.87
C CYS A 46 -0.40 17.55 18.50
N THR A 47 -0.23 17.17 19.78
CA THR A 47 -1.26 16.96 20.75
C THR A 47 -1.20 18.10 21.75
N SER A 48 -2.30 18.37 22.45
CA SER A 48 -2.32 19.30 23.60
C SER A 48 -1.19 19.04 24.56
N ALA A 49 -1.16 17.85 25.17
CA ALA A 49 -0.13 17.50 26.14
C ALA A 49 1.13 17.07 25.39
N PRO A 50 2.31 17.38 25.95
CA PRO A 50 3.54 16.85 25.33
C PRO A 50 3.52 15.36 25.41
N ARG A 51 4.19 14.71 24.47
CA ARG A 51 4.27 13.26 24.41
C ARG A 51 5.71 12.78 24.16
N ASP A 52 6.04 11.67 24.81
CA ASP A 52 7.29 10.92 24.63
C ASP A 52 7.20 10.05 23.39
N GLY A 53 6.00 9.55 23.14
CA GLY A 53 5.77 8.57 22.09
C GLY A 53 6.27 7.18 22.47
N ASN A 54 6.17 6.25 21.53
CA ASN A 54 6.50 4.85 21.74
C ASN A 54 7.97 4.61 22.12
N PRO A 55 8.28 3.39 22.60
CA PRO A 55 9.63 2.96 22.95
C PRO A 55 10.51 2.65 21.76
N GLU A 56 11.82 2.73 21.94
CA GLU A 56 12.78 2.61 20.84
C GLU A 56 13.36 1.22 20.72
N PRO A 57 13.81 0.86 19.52
CA PRO A 57 13.77 1.60 18.28
C PRO A 57 12.36 1.67 17.70
N ARG A 58 12.09 2.74 16.98
CA ARG A 58 10.76 3.03 16.47
C ARG A 58 10.77 3.63 15.06
N TYR A 59 11.96 3.84 14.49
CA TYR A 59 12.13 4.18 13.09
C TYR A 59 13.41 3.58 12.57
N MET A 60 13.36 3.04 11.34
CA MET A 60 14.56 2.51 10.67
C MET A 60 14.48 2.76 9.17
N ALA A 61 15.64 2.89 8.52
CA ALA A 61 15.68 3.11 7.07
C ALA A 61 16.48 2.05 6.30
N PHE A 62 16.23 1.93 5.01
CA PHE A 62 16.88 0.92 4.19
C PHE A 62 17.00 1.42 2.76
N PRO A 63 17.69 0.66 1.89
CA PRO A 63 17.74 1.11 0.51
C PRO A 63 16.41 1.60 -0.06
N LEU A 64 15.28 1.03 0.33
CA LEU A 64 14.04 1.33 -0.37
C LEU A 64 13.01 2.05 0.45
N GLY A 65 13.33 2.37 1.69
CA GLY A 65 12.50 3.27 2.44
C GLY A 65 12.58 3.05 3.93
N SER A 66 11.51 3.44 4.63
CA SER A 66 11.53 3.42 6.07
C SER A 66 10.22 2.92 6.68
N ILE A 67 10.34 2.50 7.94
CA ILE A 67 9.21 2.05 8.71
C ILE A 67 9.26 2.81 10.01
N ASN A 68 8.08 3.19 10.53
CA ASN A 68 7.99 3.86 11.83
C ASN A 68 6.66 3.67 12.57
N SER A 69 6.78 3.48 13.88
CA SER A 69 5.69 3.67 14.81
C SER A 69 6.25 4.51 15.94
N MET A 70 6.35 5.81 15.66
CA MET A 70 6.81 6.80 16.65
C MET A 70 5.83 6.94 17.80
N GLY A 71 4.54 6.88 17.49
CA GLY A 71 3.51 7.15 18.47
C GLY A 71 3.43 8.62 18.84
N LEU A 72 3.65 9.51 17.88
CA LEU A 72 3.31 10.91 18.05
C LEU A 72 4.05 11.58 19.21
N PRO A 73 5.38 11.42 19.25
CA PRO A 73 6.19 12.17 20.19
C PRO A 73 6.27 13.61 19.75
N ASN A 74 6.02 14.55 20.64
CA ASN A 74 6.06 15.98 20.34
C ASN A 74 6.11 16.81 21.64
N LEU A 75 6.36 18.10 21.52
CA LEU A 75 6.52 18.98 22.70
C LEU A 75 5.23 19.63 23.17
N GLY A 76 4.09 19.30 22.58
CA GLY A 76 2.80 19.87 23.00
C GLY A 76 2.40 21.11 22.21
N PHE A 77 1.10 21.31 22.06
CA PHE A 77 0.60 22.42 21.27
C PHE A 77 1.30 23.73 21.61
N ASP A 78 1.35 24.01 22.90
CA ASP A 78 1.79 25.31 23.39
C ASP A 78 3.13 25.73 22.83
N PHE A 79 4.05 24.77 22.68
CA PHE A 79 5.35 25.06 22.08
C PHE A 79 5.22 25.43 20.61
N TYR A 80 4.49 24.63 19.83
CA TYR A 80 4.44 24.86 18.37
C TYR A 80 3.72 26.14 18.05
N LEU A 81 2.62 26.38 18.76
CA LEU A 81 1.95 27.66 18.70
C LEU A 81 2.87 28.84 19.01
N LYS A 82 3.71 28.70 20.05
CA LYS A 82 4.61 29.77 20.48
C LYS A 82 5.75 30.02 19.49
N TYR A 83 6.13 28.95 18.80
CA TYR A 83 7.05 29.04 17.68
C TYR A 83 6.39 29.80 16.54
N ALA A 84 5.10 29.57 16.36
CA ALA A 84 4.38 30.28 15.31
C ALA A 84 4.32 31.78 15.57
N SER A 85 3.89 32.15 16.78
CA SER A 85 3.66 33.55 17.13
C SER A 85 4.92 34.29 17.51
N ASP A 86 5.90 33.63 18.11
CA ASP A 86 7.09 34.37 18.59
C ASP A 86 8.42 34.08 17.89
N LEU A 87 8.70 32.83 17.51
CA LEU A 87 10.05 32.41 17.14
C LEU A 87 10.33 32.29 15.63
N HIS A 88 9.30 32.04 14.83
CA HIS A 88 9.49 31.87 13.38
C HIS A 88 9.62 33.14 12.49
N ASP A 89 10.66 33.17 11.63
CA ASP A 89 10.88 34.28 10.65
C ASP A 89 10.09 34.12 9.31
N TYR A 90 8.81 34.44 9.32
CA TYR A 90 7.97 34.37 8.11
C TYR A 90 8.59 35.01 6.88
N SER A 91 9.48 35.98 7.09
CA SER A 91 10.24 36.59 6.00
C SER A 91 11.13 35.59 5.27
N LYS A 92 11.52 34.51 5.94
CA LYS A 92 12.36 33.45 5.34
C LYS A 92 11.54 32.50 4.48
N LYS A 93 10.41 32.04 5.01
CA LYS A 93 9.50 31.19 4.27
C LYS A 93 8.20 31.06 5.03
N PRO A 94 7.13 30.59 4.38
CA PRO A 94 5.96 30.38 5.21
C PRO A 94 6.11 29.16 6.12
N LEU A 95 5.34 29.14 7.19
CA LEU A 95 5.26 27.98 8.06
C LEU A 95 3.85 27.36 8.00
N PHE A 96 3.82 26.02 7.99
CA PHE A 96 2.60 25.27 8.28
C PHE A 96 2.74 24.67 9.68
N LEU A 97 1.61 24.44 10.35
CA LEU A 97 1.62 23.82 11.67
C LEU A 97 0.66 22.64 11.65
N SER A 98 1.14 21.45 12.05
CA SER A 98 0.31 20.24 11.92
C SER A 98 -0.30 19.91 13.25
N ILE A 99 -1.59 19.61 13.29
CA ILE A 99 -2.18 19.13 14.52
C ILE A 99 -2.73 17.73 14.40
N SER A 100 -2.47 16.90 15.41
CA SER A 100 -2.91 15.52 15.36
C SER A 100 -3.59 15.09 16.66
N GLY A 101 -4.69 15.77 16.98
CA GLY A 101 -5.41 15.55 18.24
C GLY A 101 -5.95 14.14 18.31
N LEU A 102 -5.97 13.55 19.49
CA LEU A 102 -6.38 12.13 19.61
C LEU A 102 -7.90 11.95 19.76
N SER A 103 -8.61 13.06 19.86
CA SER A 103 -10.07 13.08 19.70
C SER A 103 -10.47 14.38 19.01
N VAL A 104 -11.74 14.45 18.62
CA VAL A 104 -12.27 15.65 17.93
C VAL A 104 -12.25 16.88 18.84
N GLU A 105 -12.52 16.64 20.13
CA GLU A 105 -12.45 17.68 21.17
C GLU A 105 -11.07 18.31 21.21
N GLU A 106 -10.05 17.47 21.36
CA GLU A 106 -8.65 17.90 21.42
C GLU A 106 -8.31 18.75 20.16
N ASN A 107 -8.74 18.33 18.97
CA ASN A 107 -8.45 19.11 17.75
C ASN A 107 -9.19 20.45 17.65
N VAL A 108 -10.44 20.48 18.12
CA VAL A 108 -11.21 21.71 18.24
C VAL A 108 -10.52 22.67 19.21
N ALA A 109 -10.21 22.20 20.41
CA ALA A 109 -9.57 23.03 21.41
C ALA A 109 -8.33 23.72 20.86
N MET A 110 -7.44 22.95 20.23
CA MET A 110 -6.25 23.56 19.65
C MET A 110 -6.53 24.60 18.56
N VAL A 111 -7.31 24.26 17.53
CA VAL A 111 -7.55 25.21 16.42
C VAL A 111 -8.14 26.54 16.88
N ARG A 112 -8.98 26.49 17.92
CA ARG A 112 -9.60 27.68 18.48
C ARG A 112 -8.55 28.67 18.90
N ARG A 113 -7.44 28.19 19.48
CA ARG A 113 -6.33 29.07 19.91
C ARG A 113 -5.29 29.31 18.82
N LEU A 114 -5.31 28.47 17.79
CA LEU A 114 -4.51 28.68 16.60
C LEU A 114 -5.09 29.81 15.77
N ALA A 115 -6.41 29.89 15.75
CA ALA A 115 -7.13 30.84 14.91
C ALA A 115 -6.52 32.23 14.90
N PRO A 116 -6.41 32.86 16.09
CA PRO A 116 -5.96 34.25 16.14
C PRO A 116 -4.56 34.40 15.55
N VAL A 117 -3.66 33.49 15.91
CA VAL A 117 -2.29 33.51 15.37
C VAL A 117 -2.25 33.19 13.87
N ALA A 118 -3.13 32.34 13.37
CA ALA A 118 -3.20 32.12 11.93
C ALA A 118 -3.54 33.42 11.21
N GLN A 119 -4.59 34.07 11.69
CA GLN A 119 -5.02 35.36 11.17
C GLN A 119 -3.89 36.38 11.22
N GLU A 120 -3.28 36.52 12.39
CA GLU A 120 -2.34 37.62 12.63
C GLU A 120 -0.94 37.43 12.04
N LYS A 121 -0.42 36.20 12.09
CA LYS A 121 0.94 35.90 11.67
C LYS A 121 1.03 35.12 10.34
N GLY A 122 -0.06 34.50 9.90
CA GLY A 122 -0.07 33.84 8.60
C GLY A 122 0.23 32.34 8.58
N VAL A 123 0.53 31.77 9.74
CA VAL A 123 0.79 30.32 9.84
C VAL A 123 -0.42 29.48 9.30
N LEU A 124 -0.11 28.37 8.66
CA LEU A 124 -1.11 27.54 7.98
C LEU A 124 -1.27 26.16 8.61
N LEU A 125 -2.54 25.78 8.82
CA LEU A 125 -2.92 24.55 9.50
C LEU A 125 -2.89 23.39 8.53
N GLU A 126 -2.20 22.30 8.88
CA GLU A 126 -2.36 20.99 8.24
C GLU A 126 -3.00 20.07 9.27
N LEU A 127 -4.31 19.85 9.18
CA LEU A 127 -5.00 18.90 10.04
C LEU A 127 -4.64 17.45 9.70
N ASN A 128 -4.02 16.76 10.64
CA ASN A 128 -3.62 15.36 10.45
C ASN A 128 -4.77 14.37 10.74
N LEU A 129 -5.44 13.97 9.65
CA LEU A 129 -6.54 12.99 9.66
C LEU A 129 -6.08 11.54 9.66
N SER A 130 -4.79 11.35 9.47
CA SER A 130 -4.21 10.05 9.34
C SER A 130 -3.72 9.68 10.73
N CYS A 131 -4.63 9.82 11.69
CA CYS A 131 -4.32 9.67 13.11
C CYS A 131 -5.31 8.67 13.72
N PRO A 132 -5.12 8.31 15.00
CA PRO A 132 -6.02 7.35 15.58
C PRO A 132 -7.16 8.00 16.36
N ASN A 133 -8.38 7.49 16.18
CA ASN A 133 -9.50 7.80 17.05
C ASN A 133 -9.59 6.68 18.11
N VAL A 134 -10.81 6.32 18.50
CA VAL A 134 -11.10 5.20 19.40
C VAL A 134 -10.32 3.95 18.94
N PRO A 135 -9.50 3.33 19.82
CA PRO A 135 -8.82 2.06 19.47
C PRO A 135 -9.79 0.90 19.17
N GLY A 136 -9.47 0.10 18.15
CA GLY A 136 -10.39 -0.91 17.63
C GLY A 136 -11.28 -0.41 16.48
N LYS A 137 -11.22 0.88 16.20
CA LYS A 137 -11.81 1.44 15.01
C LYS A 137 -10.69 1.85 14.07
N PRO A 138 -11.00 1.97 12.76
CA PRO A 138 -9.90 2.32 11.86
C PRO A 138 -9.43 3.77 12.08
N GLN A 139 -8.18 4.05 11.75
CA GLN A 139 -7.70 5.43 11.72
C GLN A 139 -8.77 6.32 11.03
N VAL A 140 -8.75 7.62 11.33
CA VAL A 140 -9.92 8.50 11.09
C VAL A 140 -10.34 8.63 9.61
N ALA A 141 -9.38 8.79 8.71
CA ALA A 141 -9.70 9.05 7.30
C ALA A 141 -10.22 7.80 6.61
N TYR A 142 -10.17 6.66 7.28
CA TYR A 142 -10.74 5.43 6.75
C TYR A 142 -12.18 5.24 7.25
N ASP A 143 -12.61 6.15 8.11
CA ASP A 143 -13.89 6.08 8.78
C ASP A 143 -14.65 7.37 8.44
N PHE A 144 -15.47 7.33 7.40
CA PHE A 144 -15.98 8.55 6.75
C PHE A 144 -16.98 9.35 7.59
N GLU A 145 -17.61 8.72 8.57
CA GLU A 145 -18.47 9.48 9.48
C GLU A 145 -17.58 10.32 10.41
N ALA A 146 -16.57 9.67 10.99
CA ALA A 146 -15.62 10.34 11.86
C ALA A 146 -14.92 11.46 11.11
N MET A 147 -14.66 11.23 9.83
CA MET A 147 -14.02 12.23 9.00
C MET A 147 -14.96 13.42 8.85
N ARG A 148 -16.23 13.17 8.56
CA ARG A 148 -17.17 14.27 8.38
C ARG A 148 -17.24 15.13 9.63
N THR A 149 -17.39 14.44 10.76
CA THR A 149 -17.44 15.06 12.08
C THR A 149 -16.30 16.04 12.27
N TYR A 150 -15.08 15.51 12.17
CA TYR A 150 -13.84 16.27 12.43
C TYR A 150 -13.77 17.57 11.65
N LEU A 151 -14.18 17.52 10.38
CA LEU A 151 -14.17 18.69 9.47
C LEU A 151 -15.27 19.74 9.68
N GLN A 152 -16.50 19.28 9.95
CA GLN A 152 -17.56 20.21 10.37
C GLN A 152 -17.06 20.97 11.61
N GLN A 153 -16.68 20.19 12.62
CA GLN A 153 -16.28 20.72 13.89
C GLN A 153 -15.11 21.66 13.78
N VAL A 154 -14.02 21.21 13.16
CA VAL A 154 -12.82 22.04 13.04
C VAL A 154 -13.13 23.29 12.21
N SER A 155 -13.84 23.10 11.10
CA SER A 155 -14.27 24.23 10.29
C SER A 155 -14.85 25.31 11.20
N LEU A 156 -15.80 24.93 12.05
CA LEU A 156 -16.53 25.88 12.87
C LEU A 156 -15.66 26.61 13.89
N ALA A 157 -14.74 25.86 14.49
CA ALA A 157 -13.84 26.38 15.51
C ALA A 157 -12.63 27.13 14.96
N TYR A 158 -12.43 27.12 13.65
CA TYR A 158 -11.26 27.74 13.04
C TYR A 158 -11.66 28.83 12.06
N GLY A 159 -12.60 28.49 11.19
CA GLY A 159 -13.21 29.48 10.33
C GLY A 159 -12.23 30.15 9.42
N LEU A 160 -11.12 29.48 9.15
CA LEU A 160 -10.06 29.98 8.28
C LEU A 160 -9.68 28.88 7.29
N PRO A 161 -9.07 29.24 6.16
CA PRO A 161 -8.47 28.31 5.22
C PRO A 161 -7.54 27.33 5.90
N PHE A 162 -7.71 26.03 5.68
CA PHE A 162 -6.81 25.00 6.24
C PHE A 162 -6.71 23.80 5.33
N GLY A 163 -5.73 22.93 5.57
CA GLY A 163 -5.54 21.71 4.77
C GLY A 163 -5.55 20.45 5.59
N VAL A 164 -5.63 19.32 4.91
CA VAL A 164 -5.73 18.04 5.60
C VAL A 164 -4.67 17.08 5.08
N LYS A 165 -4.06 16.34 6.01
CA LYS A 165 -3.12 15.26 5.71
C LYS A 165 -3.87 13.94 5.68
N MET A 166 -3.93 13.34 4.48
CA MET A 166 -4.66 12.08 4.22
C MET A 166 -3.78 10.80 4.09
N PRO A 167 -4.30 9.66 4.54
CA PRO A 167 -3.63 8.38 4.32
C PRO A 167 -3.82 7.92 2.90
N PRO A 168 -3.03 6.93 2.45
CA PRO A 168 -3.30 6.35 1.12
C PRO A 168 -4.58 5.53 1.06
N TYR A 169 -5.29 5.64 -0.06
CA TYR A 169 -6.39 4.74 -0.39
C TYR A 169 -5.98 3.87 -1.56
N PHE A 170 -6.68 2.75 -1.70
CA PHE A 170 -6.32 1.69 -2.65
C PHE A 170 -7.50 1.14 -3.49
N ASP A 171 -8.75 1.53 -3.15
CA ASP A 171 -9.96 1.17 -3.91
C ASP A 171 -10.50 2.48 -4.52
N ILE A 172 -11.09 2.40 -5.71
CA ILE A 172 -11.72 3.58 -6.33
C ILE A 172 -12.82 4.15 -5.44
N ALA A 173 -13.65 3.25 -4.86
CA ALA A 173 -14.83 3.70 -4.12
C ALA A 173 -14.44 4.57 -2.94
N HIS A 174 -13.28 4.26 -2.34
CA HIS A 174 -12.74 5.07 -1.25
C HIS A 174 -12.25 6.42 -1.73
N PHE A 175 -11.51 6.45 -2.84
CA PHE A 175 -11.20 7.70 -3.50
C PHE A 175 -12.48 8.48 -3.66
N ASP A 176 -13.52 7.82 -4.19
CA ASP A 176 -14.76 8.53 -4.56
C ASP A 176 -15.42 9.13 -3.34
N THR A 177 -15.54 8.34 -2.29
CA THR A 177 -16.26 8.77 -1.09
C THR A 177 -15.50 9.87 -0.34
N ALA A 178 -14.22 9.64 -0.14
CA ALA A 178 -13.34 10.58 0.55
C ALA A 178 -13.31 11.97 -0.06
N ALA A 179 -13.15 12.08 -1.36
CA ALA A 179 -13.14 13.40 -2.00
C ALA A 179 -14.48 14.12 -1.85
N ALA A 180 -15.57 13.35 -1.88
CA ALA A 180 -16.93 13.92 -1.82
C ALA A 180 -17.14 14.53 -0.46
N VAL A 181 -16.76 13.79 0.58
CA VAL A 181 -16.76 14.31 1.93
C VAL A 181 -16.00 15.62 2.04
N LEU A 182 -14.74 15.62 1.60
CA LEU A 182 -13.89 16.81 1.60
C LEU A 182 -14.45 18.01 0.83
N ASN A 183 -15.06 17.72 -0.33
CA ASN A 183 -15.75 18.71 -1.17
C ASN A 183 -16.95 19.39 -0.46
N GLU A 184 -17.46 18.77 0.60
CA GLU A 184 -18.46 19.40 1.42
C GLU A 184 -17.91 20.61 2.15
N PHE A 185 -16.60 20.71 2.34
CA PHE A 185 -16.04 21.72 3.26
C PHE A 185 -15.15 22.79 2.61
N PRO A 186 -15.72 23.97 2.34
CA PRO A 186 -15.03 25.00 1.55
C PRO A 186 -13.76 25.56 2.18
N LEU A 187 -13.65 25.51 3.50
CA LEU A 187 -12.43 25.98 4.13
C LEU A 187 -11.26 25.00 3.92
N VAL A 188 -11.52 23.76 3.50
CA VAL A 188 -10.40 22.87 3.21
C VAL A 188 -9.85 23.29 1.87
N LYS A 189 -8.71 23.95 1.89
CA LYS A 189 -8.17 24.57 0.68
C LYS A 189 -7.06 23.73 0.09
N PHE A 190 -6.44 22.87 0.90
CA PHE A 190 -5.51 21.89 0.32
C PHE A 190 -5.67 20.48 0.93
N VAL A 191 -5.20 19.50 0.16
CA VAL A 191 -5.20 18.11 0.56
C VAL A 191 -3.79 17.50 0.32
N THR A 192 -3.29 16.85 1.37
CA THR A 192 -1.95 16.29 1.35
C THR A 192 -2.00 14.77 1.24
N CYS A 193 -1.50 14.27 0.11
CA CYS A 193 -1.46 12.84 -0.20
C CYS A 193 0.00 12.49 -0.47
N VAL A 194 0.58 11.59 0.32
CA VAL A 194 -0.09 10.79 1.33
C VAL A 194 0.75 10.62 2.56
N ASN A 195 0.09 10.17 3.64
CA ASN A 195 0.77 9.75 4.85
C ASN A 195 1.43 8.38 4.64
N SER A 196 2.13 7.86 5.66
CA SER A 196 2.71 6.51 5.61
C SER A 196 1.71 5.41 5.22
N VAL A 197 2.16 4.54 4.32
CA VAL A 197 1.40 3.34 4.00
C VAL A 197 1.35 2.48 5.28
N GLY A 198 0.15 2.38 5.85
CA GLY A 198 -0.07 1.85 7.18
C GLY A 198 0.23 0.36 7.41
N ASN A 199 0.85 0.09 8.58
CA ASN A 199 1.10 -1.25 9.06
C ASN A 199 1.80 -2.25 8.13
N GLY A 200 2.92 -1.82 7.59
CA GLY A 200 3.81 -2.74 6.91
C GLY A 200 4.69 -3.44 7.92
N LEU A 201 5.31 -4.53 7.49
CA LEU A 201 6.20 -5.32 8.34
C LEU A 201 7.56 -5.54 7.69
N VAL A 202 8.61 -5.05 8.35
CA VAL A 202 9.98 -5.28 7.88
C VAL A 202 10.67 -6.27 8.80
N ILE A 203 11.22 -7.31 8.18
CA ILE A 203 11.90 -8.39 8.89
C ILE A 203 13.34 -8.46 8.39
N ASP A 204 14.26 -8.66 9.34
CA ASP A 204 15.70 -8.73 9.09
C ASP A 204 16.04 -10.20 8.89
N ALA A 205 16.57 -10.54 7.72
CA ALA A 205 16.83 -11.93 7.39
C ALA A 205 17.84 -12.52 8.37
N GLU A 206 18.87 -11.77 8.70
CA GLU A 206 19.99 -12.35 9.44
C GLU A 206 19.56 -12.69 10.85
N SER A 207 19.01 -11.72 11.55
CA SER A 207 18.59 -11.88 12.96
C SER A 207 17.21 -12.53 13.09
N GLU A 208 16.46 -12.58 12.00
CA GLU A 208 15.16 -13.20 11.98
C GLU A 208 14.14 -12.49 12.87
N SER A 209 14.17 -11.15 12.82
CA SER A 209 13.45 -10.31 13.78
C SER A 209 12.97 -9.00 13.21
N VAL A 210 11.78 -8.57 13.63
CA VAL A 210 11.25 -7.26 13.25
C VAL A 210 12.23 -6.15 13.65
N VAL A 211 12.25 -5.04 12.92
CA VAL A 211 13.28 -3.99 13.17
C VAL A 211 12.85 -2.83 14.09
N ILE A 212 11.56 -2.75 14.46
CA ILE A 212 11.08 -1.71 15.36
C ILE A 212 10.27 -2.30 16.49
N LYS A 213 10.49 -1.82 17.70
CA LYS A 213 9.89 -2.43 18.90
C LYS A 213 8.38 -2.32 19.02
N PRO A 214 7.81 -1.15 18.72
CA PRO A 214 6.37 -1.08 18.89
C PRO A 214 5.53 -1.99 17.96
N LYS A 215 4.26 -2.21 18.36
CA LYS A 215 3.24 -2.98 17.59
C LYS A 215 3.75 -4.28 16.93
N GLN A 216 4.58 -5.02 17.66
CA GLN A 216 5.23 -6.24 17.20
C GLN A 216 5.94 -6.12 15.85
N GLY A 217 6.58 -4.96 15.65
CA GLY A 217 7.29 -4.67 14.42
C GLY A 217 6.49 -3.87 13.41
N PHE A 218 5.16 -3.85 13.53
CA PHE A 218 4.30 -3.25 12.48
C PHE A 218 4.42 -1.75 12.46
N GLY A 219 4.41 -1.15 11.27
CA GLY A 219 4.68 0.28 11.17
C GLY A 219 4.39 0.91 9.84
N GLY A 220 4.51 2.24 9.81
CA GLY A 220 4.18 3.03 8.62
C GLY A 220 5.31 3.06 7.61
N LEU A 221 4.92 2.92 6.33
CA LEU A 221 5.89 2.76 5.27
C LEU A 221 6.08 4.01 4.46
N GLY A 222 7.32 4.31 4.13
CA GLY A 222 7.66 5.46 3.33
C GLY A 222 8.84 5.16 2.44
N GLY A 223 9.16 6.11 1.56
CA GLY A 223 10.27 6.03 0.67
C GLY A 223 9.89 5.48 -0.71
N LYS A 224 10.89 4.95 -1.40
CA LYS A 224 10.70 4.36 -2.73
C LYS A 224 9.59 3.27 -2.83
N TYR A 225 9.22 2.70 -1.70
CA TYR A 225 8.17 1.70 -1.68
C TYR A 225 6.88 2.33 -2.16
N ILE A 226 6.56 3.51 -1.64
CA ILE A 226 5.20 4.04 -1.72
C ILE A 226 4.93 5.05 -2.85
N LEU A 227 5.86 5.20 -3.78
CA LEU A 227 5.77 6.28 -4.79
C LEU A 227 4.57 6.21 -5.72
N PRO A 228 4.32 5.06 -6.35
CA PRO A 228 3.17 4.96 -7.20
C PRO A 228 1.89 5.15 -6.45
N THR A 229 1.80 4.50 -5.30
CA THR A 229 0.67 4.68 -4.40
C THR A 229 0.44 6.20 -4.22
N ALA A 230 1.52 6.95 -4.01
CA ALA A 230 1.40 8.36 -3.72
C ALA A 230 0.99 9.12 -4.96
N LEU A 231 1.54 8.76 -6.12
CA LEU A 231 1.13 9.38 -7.37
C LEU A 231 -0.33 9.07 -7.68
N ALA A 232 -0.77 7.91 -7.32
CA ALA A 232 -2.19 7.60 -7.44
C ALA A 232 -3.10 8.53 -6.62
N ASN A 233 -2.81 8.66 -5.35
CA ASN A 233 -3.63 9.48 -4.50
C ASN A 233 -3.59 10.97 -4.87
N VAL A 234 -2.40 11.46 -5.20
CA VAL A 234 -2.27 12.82 -5.62
C VAL A 234 -3.18 13.04 -6.84
N ASN A 235 -3.04 12.20 -7.85
CA ASN A 235 -3.79 12.39 -9.05
C ASN A 235 -5.27 12.08 -8.88
N ALA A 236 -5.59 11.16 -7.99
CA ALA A 236 -6.99 10.89 -7.63
C ALA A 236 -7.70 12.14 -7.17
N PHE A 237 -7.05 12.81 -6.22
CA PHE A 237 -7.65 13.93 -5.54
C PHE A 237 -7.55 15.19 -6.38
N TYR A 238 -6.49 15.30 -7.18
CA TYR A 238 -6.36 16.40 -8.12
C TYR A 238 -7.56 16.40 -9.03
N ARG A 239 -7.88 15.25 -9.59
CA ARG A 239 -9.02 15.12 -10.48
C ARG A 239 -10.38 15.40 -9.78
N ARG A 240 -10.62 14.79 -8.64
CA ARG A 240 -11.91 14.87 -7.94
C ARG A 240 -12.16 16.14 -7.11
N CYS A 241 -11.16 17.00 -6.93
CA CYS A 241 -11.33 18.23 -6.14
C CYS A 241 -10.74 19.46 -6.84
N PRO A 242 -11.40 19.93 -7.90
CA PRO A 242 -10.84 21.05 -8.68
C PRO A 242 -10.81 22.40 -7.93
N ASP A 243 -11.55 22.54 -6.84
CA ASP A 243 -11.51 23.77 -6.02
C ASP A 243 -10.51 23.71 -4.85
N LYS A 244 -9.75 22.63 -4.74
CA LYS A 244 -8.72 22.52 -3.71
C LYS A 244 -7.38 22.30 -4.39
N LEU A 245 -6.32 22.52 -3.63
CA LEU A 245 -4.97 22.23 -4.07
C LEU A 245 -4.61 20.85 -3.52
N VAL A 246 -3.81 20.10 -4.27
CA VAL A 246 -3.16 18.92 -3.71
C VAL A 246 -1.68 19.21 -3.49
N PHE A 247 -1.18 18.73 -2.35
CA PHE A 247 0.24 18.72 -1.99
C PHE A 247 0.75 17.28 -2.01
N GLY A 248 1.79 17.03 -2.79
CA GLY A 248 2.29 15.67 -2.96
C GLY A 248 3.22 15.27 -1.84
N CYS A 249 3.10 14.03 -1.37
CA CYS A 249 4.01 13.48 -0.38
C CYS A 249 4.06 11.97 -0.49
N GLY A 250 5.25 11.43 -0.75
CA GLY A 250 5.43 10.00 -0.96
C GLY A 250 6.61 9.68 -1.84
N GLY A 251 7.66 9.21 -1.22
CA GLY A 251 8.85 8.71 -1.94
C GLY A 251 9.53 9.65 -2.91
N VAL A 252 9.85 10.86 -2.46
CA VAL A 252 10.56 11.83 -3.26
C VAL A 252 12.05 11.77 -2.89
N TYR A 253 12.89 11.42 -3.85
CA TYR A 253 14.35 11.34 -3.66
C TYR A 253 15.16 12.19 -4.65
N SER A 254 14.48 12.74 -5.64
CA SER A 254 15.09 13.20 -6.86
C SER A 254 14.18 14.21 -7.53
N GLY A 255 14.75 15.08 -8.34
CA GLY A 255 13.94 16.00 -9.12
C GLY A 255 12.87 15.23 -9.89
N GLU A 256 13.25 14.12 -10.50
CA GLU A 256 12.34 13.37 -11.33
C GLU A 256 11.15 12.93 -10.48
N ASP A 257 11.43 12.50 -9.25
CA ASP A 257 10.37 12.13 -8.29
C ASP A 257 9.37 13.24 -8.05
N ALA A 258 9.87 14.44 -7.85
CA ALA A 258 8.99 15.60 -7.70
C ALA A 258 8.30 15.90 -9.03
N PHE A 259 9.05 15.81 -10.13
CA PHE A 259 8.52 16.13 -11.44
C PHE A 259 7.27 15.33 -11.71
N LEU A 260 7.31 14.05 -11.33
CA LEU A 260 6.18 13.14 -11.50
C LEU A 260 5.02 13.53 -10.54
N HIS A 261 5.36 13.87 -9.32
CA HIS A 261 4.37 14.35 -8.37
C HIS A 261 3.62 15.54 -8.93
N ILE A 262 4.37 16.47 -9.49
CA ILE A 262 3.75 17.66 -10.02
C ILE A 262 2.89 17.24 -11.23
N LEU A 263 3.48 16.52 -12.18
CA LEU A 263 2.70 16.01 -13.30
C LEU A 263 1.35 15.46 -12.86
N ALA A 264 1.30 14.73 -11.77
CA ALA A 264 0.06 14.18 -11.25
C ALA A 264 -0.90 15.25 -10.71
N GLY A 265 -0.42 16.49 -10.57
CA GLY A 265 -1.21 17.56 -10.01
C GLY A 265 -0.80 18.06 -8.62
N ALA A 266 0.46 17.86 -8.21
CA ALA A 266 0.97 18.42 -6.95
C ALA A 266 1.39 19.89 -7.06
N SER A 267 0.97 20.69 -6.09
CA SER A 267 1.37 22.07 -5.96
C SER A 267 2.64 22.09 -5.12
N MET A 268 2.54 21.79 -3.82
CA MET A 268 3.72 21.59 -2.97
C MET A 268 4.11 20.12 -2.92
N VAL A 269 5.39 19.89 -2.66
CA VAL A 269 5.98 18.56 -2.68
C VAL A 269 6.81 18.38 -1.41
N GLN A 270 6.40 17.43 -0.55
CA GLN A 270 7.04 17.22 0.76
C GLN A 270 8.02 16.08 0.73
N VAL A 271 9.04 16.16 1.57
CA VAL A 271 10.03 15.07 1.65
C VAL A 271 10.16 14.53 3.06
N GLY A 272 9.95 13.22 3.18
CA GLY A 272 9.95 12.54 4.46
C GLY A 272 11.24 11.78 4.64
N THR A 273 11.22 10.51 4.27
CA THR A 273 12.32 9.60 4.55
C THR A 273 13.59 10.15 3.96
N ALA A 274 13.50 10.50 2.69
CA ALA A 274 14.66 10.85 1.97
C ALA A 274 15.34 12.00 2.68
N LEU A 275 14.54 12.87 3.28
CA LEU A 275 15.09 14.00 4.06
C LEU A 275 15.69 13.53 5.37
N GLN A 276 15.00 12.63 6.05
CA GLN A 276 15.51 12.11 7.31
C GLN A 276 16.90 11.50 7.06
N GLU A 277 17.06 10.86 5.89
CA GLU A 277 18.28 10.08 5.60
C GLU A 277 19.40 10.97 5.18
N GLU A 278 19.16 11.79 4.18
CA GLU A 278 20.19 12.61 3.58
C GLU A 278 20.40 13.93 4.34
N GLY A 279 19.31 14.47 4.87
CA GLY A 279 19.34 15.72 5.62
C GLY A 279 18.94 16.91 4.77
N PRO A 280 18.97 18.13 5.36
CA PRO A 280 18.39 19.35 4.79
C PRO A 280 18.98 19.80 3.46
N GLY A 281 20.26 19.49 3.20
CA GLY A 281 20.88 19.75 1.87
C GLY A 281 20.25 18.99 0.72
N ILE A 282 19.26 18.15 1.01
CA ILE A 282 18.55 17.43 -0.04
C ILE A 282 17.82 18.43 -0.91
N PHE A 283 17.37 19.51 -0.28
CA PHE A 283 16.54 20.48 -0.95
C PHE A 283 17.23 21.26 -2.08
N THR A 284 18.55 21.42 -2.06
CA THR A 284 19.21 22.13 -3.18
C THR A 284 19.38 21.25 -4.36
N ARG A 285 19.58 19.97 -4.09
CA ARG A 285 19.62 18.95 -5.15
C ARG A 285 18.29 18.89 -5.86
N LEU A 286 17.23 18.69 -5.06
CA LEU A 286 15.91 18.51 -5.62
C LEU A 286 15.58 19.66 -6.52
N GLU A 287 15.82 20.87 -6.06
CA GLU A 287 15.66 22.08 -6.88
C GLU A 287 16.43 22.00 -8.20
N ASP A 288 17.75 21.83 -8.11
CA ASP A 288 18.58 21.71 -9.29
C ASP A 288 18.12 20.60 -10.21
N GLU A 289 17.86 19.42 -9.64
CA GLU A 289 17.53 18.27 -10.46
C GLU A 289 16.27 18.58 -11.28
N LEU A 290 15.21 19.05 -10.60
CA LEU A 290 13.94 19.39 -11.24
C LEU A 290 14.18 20.45 -12.32
N LEU A 291 14.93 21.52 -11.99
CA LEU A 291 15.26 22.56 -12.98
C LEU A 291 16.06 22.03 -14.18
N GLU A 292 16.83 20.96 -14.04
CA GLU A 292 17.49 20.38 -15.21
C GLU A 292 16.47 19.70 -16.14
N ILE A 293 15.50 19.04 -15.50
CA ILE A 293 14.39 18.40 -16.18
C ILE A 293 13.57 19.43 -16.96
N MET A 294 13.18 20.48 -16.25
CA MET A 294 12.46 21.58 -16.85
C MET A 294 13.24 22.17 -18.03
N ALA A 295 14.54 22.37 -17.88
CA ALA A 295 15.38 22.91 -18.97
C ALA A 295 15.37 22.02 -20.22
N ARG A 296 15.65 20.74 -19.99
CA ARG A 296 15.64 19.70 -21.04
C ARG A 296 14.37 19.73 -21.89
N LYS A 297 13.23 20.07 -21.27
CA LYS A 297 11.90 20.02 -21.88
C LYS A 297 11.34 21.38 -22.25
N GLY A 298 11.99 22.47 -21.85
CA GLY A 298 11.48 23.80 -22.21
C GLY A 298 10.29 24.27 -21.41
N TYR A 299 10.24 23.86 -20.15
CA TYR A 299 9.22 24.30 -19.21
C TYR A 299 9.80 25.41 -18.36
N ARG A 300 9.05 26.47 -18.13
CA ARG A 300 9.60 27.66 -17.46
C ARG A 300 9.01 27.96 -16.08
N THR A 301 7.77 27.52 -15.89
CA THR A 301 7.11 27.55 -14.60
C THR A 301 6.51 26.17 -14.29
N LEU A 302 6.06 25.97 -13.05
CA LEU A 302 5.48 24.70 -12.62
C LEU A 302 4.11 24.45 -13.21
N GLU A 303 3.30 25.51 -13.30
CA GLU A 303 1.95 25.39 -13.88
C GLU A 303 1.98 24.94 -15.34
N GLU A 304 3.12 25.03 -16.01
CA GLU A 304 3.23 24.59 -17.40
C GLU A 304 3.03 23.07 -17.55
N PHE A 305 3.23 22.31 -16.46
CA PHE A 305 2.98 20.85 -16.44
C PHE A 305 2.19 20.28 -15.24
N ARG A 306 1.80 21.10 -14.29
CA ARG A 306 1.07 20.57 -13.14
C ARG A 306 -0.30 20.08 -13.59
N GLY A 307 -0.58 18.80 -13.32
CA GLY A 307 -1.86 18.15 -13.68
C GLY A 307 -1.85 17.66 -15.12
N ARG A 308 -0.72 17.81 -15.78
CA ARG A 308 -0.70 17.62 -17.21
C ARG A 308 -0.24 16.22 -17.55
N VAL A 309 -0.33 15.29 -16.61
CA VAL A 309 -0.05 13.91 -16.93
C VAL A 309 -0.94 13.41 -18.06
N LYS A 310 -0.32 12.74 -19.03
CA LYS A 310 -1.05 12.22 -20.17
C LYS A 310 -1.52 10.83 -19.81
N THR A 311 -2.64 10.45 -20.39
CA THR A 311 -3.08 9.07 -20.42
C THR A 311 -3.01 8.56 -21.86
N ILE A 312 -3.38 7.30 -22.07
CA ILE A 312 -3.15 6.66 -23.35
C ILE A 312 -4.43 6.52 -24.17
N GLU A 313 -4.32 6.78 -25.49
CA GLU A 313 -5.36 6.49 -26.51
C GLU A 313 -6.52 5.63 -26.01
N MET B 1 19.25 -33.15 1.92
CA MET B 1 18.09 -32.30 2.35
C MET B 1 17.21 -31.81 1.17
N CYS B 2 15.94 -31.58 1.50
CA CYS B 2 14.90 -31.30 0.53
C CYS B 2 13.86 -30.41 1.20
N LEU B 3 13.10 -29.69 0.38
CA LEU B 3 12.11 -28.76 0.90
C LEU B 3 10.71 -29.35 0.94
N LYS B 4 10.60 -30.69 0.95
CA LYS B 4 9.28 -31.35 0.99
C LYS B 4 8.38 -30.85 2.11
N LEU B 5 7.09 -30.68 1.83
CA LEU B 5 6.10 -30.52 2.87
C LEU B 5 4.77 -31.13 2.46
N ASN B 6 3.90 -31.30 3.46
CA ASN B 6 2.55 -31.84 3.29
C ASN B 6 1.58 -30.76 3.73
N LEU B 7 0.58 -30.48 2.92
CA LEU B 7 -0.47 -29.55 3.32
C LEU B 7 -1.76 -30.01 2.68
N LEU B 8 -2.88 -29.79 3.38
CA LEU B 8 -4.19 -29.98 2.77
C LEU B 8 -4.36 -31.37 2.18
N ASP B 9 -3.66 -32.37 2.70
CA ASP B 9 -3.69 -33.74 2.13
C ASP B 9 -3.03 -33.82 0.74
N HIS B 10 -1.90 -33.18 0.59
CA HIS B 10 -1.14 -33.27 -0.65
C HIS B 10 0.30 -33.13 -0.34
N VAL B 11 1.11 -33.62 -1.26
CA VAL B 11 2.55 -33.51 -1.12
C VAL B 11 3.08 -32.46 -2.07
N PHE B 12 4.11 -31.76 -1.63
CA PHE B 12 4.73 -30.72 -2.44
C PHE B 12 6.25 -30.89 -2.38
N ALA B 13 6.91 -30.80 -3.53
CA ALA B 13 8.36 -30.88 -3.60
C ALA B 13 9.03 -29.71 -2.90
N ASN B 14 8.30 -28.60 -2.77
CA ASN B 14 8.81 -27.37 -2.13
C ASN B 14 7.71 -26.30 -2.14
N PRO B 15 7.83 -25.27 -1.30
CA PRO B 15 6.67 -24.40 -1.09
C PRO B 15 6.35 -23.38 -2.21
N PHE B 16 7.12 -23.39 -3.27
CA PHE B 16 6.97 -22.42 -4.32
C PHE B 16 5.95 -22.81 -5.36
N MET B 17 5.22 -21.80 -5.83
CA MET B 17 4.29 -21.90 -6.94
C MET B 17 4.17 -20.50 -7.53
N ASN B 18 3.59 -20.40 -8.71
CA ASN B 18 3.28 -19.09 -9.27
C ASN B 18 2.14 -18.43 -8.49
N ALA B 19 2.10 -17.09 -8.57
CA ALA B 19 0.95 -16.31 -8.14
C ALA B 19 -0.14 -16.39 -9.24
N ALA B 20 -1.41 -16.50 -8.87
CA ALA B 20 -2.47 -16.57 -9.89
C ALA B 20 -2.32 -15.36 -10.86
N GLY B 21 -2.65 -15.61 -12.13
CA GLY B 21 -2.43 -14.62 -13.18
C GLY B 21 -1.13 -14.75 -13.98
N VAL B 22 -0.04 -15.27 -13.38
CA VAL B 22 1.28 -15.27 -14.04
C VAL B 22 1.64 -16.65 -14.59
N LEU B 23 1.78 -16.76 -15.91
CA LEU B 23 2.12 -18.03 -16.57
C LEU B 23 1.08 -19.13 -16.25
N CYS B 24 -0.18 -18.89 -16.59
CA CYS B 24 -1.23 -19.82 -16.20
C CYS B 24 -2.60 -19.49 -16.82
N SER B 25 -2.65 -18.96 -18.03
CA SER B 25 -3.93 -18.64 -18.64
C SER B 25 -4.23 -19.60 -19.77
N THR B 26 -3.18 -20.04 -20.45
CA THR B 26 -3.37 -20.95 -21.55
C THR B 26 -2.86 -22.32 -21.14
N GLU B 27 -3.29 -23.32 -21.88
CA GLU B 27 -2.83 -24.69 -21.68
C GLU B 27 -1.33 -24.75 -21.81
N GLU B 28 -0.81 -23.93 -22.73
CA GLU B 28 0.62 -23.86 -22.93
C GLU B 28 1.27 -23.39 -21.63
N ASP B 29 0.70 -22.35 -21.04
CA ASP B 29 1.22 -21.81 -19.80
C ASP B 29 1.23 -22.94 -18.71
N LEU B 30 0.09 -23.58 -18.52
CA LEU B 30 -0.06 -24.52 -17.41
C LEU B 30 0.86 -25.71 -17.59
N ARG B 31 1.08 -26.13 -18.83
CA ARG B 31 2.07 -27.21 -19.10
C ARG B 31 3.47 -26.75 -18.68
N CYS B 32 3.77 -25.50 -18.96
CA CYS B 32 5.09 -24.95 -18.65
C CYS B 32 5.36 -24.85 -17.15
N MET B 33 4.38 -24.35 -16.43
CA MET B 33 4.45 -24.29 -14.97
C MET B 33 4.56 -25.67 -14.37
N THR B 34 3.89 -26.63 -15.00
CA THR B 34 3.91 -28.01 -14.56
C THR B 34 5.29 -28.57 -14.84
N ALA B 35 5.83 -28.33 -16.03
CA ALA B 35 7.23 -28.75 -16.31
C ALA B 35 8.29 -28.07 -15.41
N SER B 36 7.96 -26.96 -14.76
CA SER B 36 8.93 -26.21 -13.97
C SER B 36 9.24 -26.96 -12.69
N SER B 37 10.08 -26.38 -11.84
CA SER B 37 10.36 -26.93 -10.50
C SER B 37 9.37 -26.51 -9.45
N SER B 38 8.37 -25.71 -9.78
CA SER B 38 7.42 -25.32 -8.72
C SER B 38 6.88 -26.56 -8.02
N GLY B 39 6.72 -26.49 -6.73
CA GLY B 39 6.09 -27.57 -6.04
C GLY B 39 4.58 -27.61 -6.27
N ALA B 40 4.03 -26.54 -6.83
CA ALA B 40 2.62 -26.48 -7.21
C ALA B 40 2.37 -25.37 -8.26
N LEU B 41 1.15 -25.28 -8.77
CA LEU B 41 0.75 -24.24 -9.70
C LEU B 41 -0.71 -23.89 -9.45
N VAL B 42 -1.12 -22.73 -9.97
CA VAL B 42 -2.49 -22.26 -9.85
C VAL B 42 -2.92 -21.68 -11.19
N SER B 43 -4.19 -21.91 -11.55
CA SER B 43 -4.77 -21.45 -12.81
C SER B 43 -5.04 -19.96 -12.73
N LYS B 44 -5.05 -19.26 -13.87
CA LYS B 44 -5.54 -17.88 -13.92
C LYS B 44 -6.96 -17.82 -13.35
N SER B 45 -7.23 -16.80 -12.54
CA SER B 45 -8.59 -16.61 -12.01
C SER B 45 -9.54 -16.67 -13.18
N CYS B 46 -10.73 -17.18 -12.96
CA CYS B 46 -11.65 -17.30 -14.06
C CYS B 46 -13.13 -17.03 -13.75
N THR B 47 -13.85 -16.92 -14.86
CA THR B 47 -15.23 -16.51 -14.93
C THR B 47 -15.96 -17.50 -15.83
N SER B 48 -17.27 -17.62 -15.65
CA SER B 48 -18.07 -18.60 -16.36
C SER B 48 -17.77 -18.55 -17.84
N ALA B 49 -17.87 -17.36 -18.41
CA ALA B 49 -17.68 -17.17 -19.86
C ALA B 49 -16.30 -16.53 -20.13
N PRO B 50 -15.70 -16.81 -21.31
CA PRO B 50 -14.37 -16.26 -21.54
C PRO B 50 -14.38 -14.75 -21.53
N ARG B 51 -13.22 -14.16 -21.22
CA ARG B 51 -13.07 -12.70 -21.25
C ARG B 51 -11.83 -12.32 -22.01
N ASP B 52 -12.00 -11.31 -22.88
CA ASP B 52 -10.92 -10.65 -23.64
C ASP B 52 -10.09 -9.77 -22.70
N GLY B 53 -10.76 -9.10 -21.77
CA GLY B 53 -10.08 -8.24 -20.82
C GLY B 53 -9.80 -6.84 -21.36
N ASN B 54 -9.06 -6.07 -20.59
CA ASN B 54 -8.81 -4.68 -20.92
C ASN B 54 -7.83 -4.48 -22.07
N PRO B 55 -7.88 -3.28 -22.70
CA PRO B 55 -6.94 -2.92 -23.76
C PRO B 55 -5.50 -2.97 -23.30
N GLU B 56 -4.59 -3.38 -24.19
CA GLU B 56 -3.16 -3.25 -23.94
C GLU B 56 -2.71 -1.87 -24.38
N PRO B 57 -1.63 -1.35 -23.78
CA PRO B 57 -0.83 -1.93 -22.70
C PRO B 57 -1.56 -1.98 -21.36
N ARG B 58 -1.58 -3.16 -20.73
CA ARG B 58 -2.25 -3.41 -19.43
C ARG B 58 -1.37 -3.98 -18.31
N TYR B 59 -0.07 -4.16 -18.59
CA TYR B 59 0.90 -4.62 -17.62
C TYR B 59 2.29 -4.12 -17.98
N MET B 60 3.07 -3.75 -16.97
CA MET B 60 4.43 -3.22 -17.16
C MET B 60 5.30 -3.48 -15.95
N ALA B 61 6.58 -3.72 -16.22
CA ALA B 61 7.52 -4.05 -15.17
C ALA B 61 8.68 -3.09 -15.21
N PHE B 62 9.20 -2.81 -14.01
CA PHE B 62 10.28 -1.89 -13.83
C PHE B 62 11.15 -2.46 -12.76
N PRO B 63 12.31 -1.83 -12.51
CA PRO B 63 13.28 -2.46 -11.61
C PRO B 63 12.72 -2.73 -10.23
N LEU B 64 11.76 -1.96 -9.79
CA LEU B 64 11.21 -2.10 -8.44
C LEU B 64 9.88 -2.83 -8.43
N GLY B 65 9.34 -3.16 -9.59
CA GLY B 65 8.18 -4.04 -9.63
C GLY B 65 7.26 -3.76 -10.79
N SER B 66 5.99 -4.05 -10.57
CA SER B 66 5.02 -4.12 -11.68
C SER B 66 3.72 -3.41 -11.37
N ILE B 67 3.02 -3.02 -12.45
CA ILE B 67 1.66 -2.49 -12.38
C ILE B 67 0.83 -3.19 -13.45
N ASN B 68 -0.42 -3.50 -13.09
CA ASN B 68 -1.33 -4.21 -13.98
C ASN B 68 -2.80 -3.83 -13.79
N SER B 69 -3.52 -3.84 -14.90
CA SER B 69 -4.96 -3.80 -14.93
C SER B 69 -5.37 -4.63 -16.14
N MET B 70 -5.30 -5.95 -15.96
CA MET B 70 -5.56 -6.89 -17.03
C MET B 70 -7.04 -6.98 -17.34
N GLY B 71 -7.88 -6.78 -16.33
CA GLY B 71 -9.32 -6.94 -16.49
C GLY B 71 -9.80 -8.38 -16.56
N LEU B 72 -9.11 -9.28 -15.87
CA LEU B 72 -9.52 -10.68 -15.73
C LEU B 72 -9.74 -11.34 -17.09
N PRO B 73 -8.77 -11.20 -17.99
CA PRO B 73 -8.83 -12.04 -19.16
C PRO B 73 -8.60 -13.48 -18.74
N ASN B 74 -9.27 -14.41 -19.41
CA ASN B 74 -9.22 -15.81 -19.05
C ASN B 74 -9.91 -16.60 -20.13
N LEU B 75 -9.58 -17.88 -20.21
CA LEU B 75 -10.23 -18.77 -21.17
C LEU B 75 -11.67 -19.21 -20.79
N GLY B 76 -12.13 -18.85 -19.59
CA GLY B 76 -13.44 -19.26 -19.16
C GLY B 76 -13.37 -20.57 -18.42
N PHE B 77 -14.31 -20.75 -17.50
CA PHE B 77 -14.24 -21.77 -16.47
C PHE B 77 -14.27 -23.19 -17.05
N ASP B 78 -14.91 -23.37 -18.20
CA ASP B 78 -15.01 -24.68 -18.80
C ASP B 78 -13.64 -25.18 -19.25
N PHE B 79 -12.78 -24.29 -19.74
CA PHE B 79 -11.43 -24.68 -20.11
C PHE B 79 -10.65 -25.15 -18.90
N TYR B 80 -10.64 -24.34 -17.84
CA TYR B 80 -9.88 -24.64 -16.63
C TYR B 80 -10.39 -25.87 -15.87
N LEU B 81 -11.69 -26.10 -15.92
CA LEU B 81 -12.21 -27.36 -15.43
C LEU B 81 -11.67 -28.49 -16.29
N LYS B 82 -11.69 -28.35 -17.61
CA LYS B 82 -11.24 -29.43 -18.49
C LYS B 82 -9.77 -29.75 -18.18
N TYR B 83 -8.98 -28.71 -17.93
CA TYR B 83 -7.56 -28.90 -17.64
C TYR B 83 -7.39 -29.68 -16.33
N ALA B 84 -8.03 -29.18 -15.27
CA ALA B 84 -8.10 -29.90 -13.98
C ALA B 84 -8.62 -31.36 -14.07
N SER B 85 -9.49 -31.60 -15.07
CA SER B 85 -10.20 -32.89 -15.22
C SER B 85 -9.41 -33.89 -16.01
N ASP B 86 -9.02 -33.54 -17.23
CA ASP B 86 -8.42 -34.51 -18.15
C ASP B 86 -6.96 -34.26 -18.55
N LEU B 87 -6.40 -33.09 -18.23
CA LEU B 87 -5.15 -32.63 -18.88
C LEU B 87 -3.91 -32.60 -17.98
N HIS B 88 -4.12 -32.38 -16.68
CA HIS B 88 -3.04 -32.16 -15.70
C HIS B 88 -2.42 -33.42 -15.08
N ASP B 89 -1.09 -33.51 -15.05
CA ASP B 89 -0.45 -34.68 -14.47
C ASP B 89 -0.23 -34.47 -12.99
N TYR B 90 -1.27 -34.79 -12.23
CA TYR B 90 -1.22 -34.77 -10.78
C TYR B 90 -0.05 -35.58 -10.15
N SER B 91 0.56 -36.52 -10.88
CA SER B 91 1.79 -37.19 -10.41
C SER B 91 2.99 -36.22 -10.32
N LYS B 92 2.93 -35.14 -11.09
CA LYS B 92 4.02 -34.15 -11.16
C LYS B 92 3.99 -33.12 -10.01
N LYS B 93 2.81 -32.54 -9.80
CA LYS B 93 2.61 -31.60 -8.72
C LYS B 93 1.11 -31.32 -8.58
N PRO B 94 0.69 -30.80 -7.43
CA PRO B 94 -0.72 -30.54 -7.26
C PRO B 94 -1.14 -29.28 -8.03
N LEU B 95 -2.46 -29.13 -8.23
CA LEU B 95 -2.99 -28.00 -8.95
C LEU B 95 -4.02 -27.29 -8.11
N PHE B 96 -3.92 -25.95 -8.06
CA PHE B 96 -4.94 -25.12 -7.48
C PHE B 96 -5.66 -24.45 -8.63
N LEU B 97 -6.95 -24.19 -8.42
CA LEU B 97 -7.75 -23.53 -9.42
C LEU B 97 -8.32 -22.25 -8.79
N SER B 98 -8.05 -21.12 -9.44
CA SER B 98 -8.56 -19.81 -9.02
C SER B 98 -9.84 -19.44 -9.77
N ILE B 99 -10.72 -18.81 -9.01
CA ILE B 99 -12.06 -18.52 -9.45
C ILE B 99 -12.40 -17.11 -8.97
N SER B 100 -12.77 -16.23 -9.89
CA SER B 100 -12.93 -14.83 -9.60
C SER B 100 -14.20 -14.26 -10.21
N GLY B 101 -15.33 -14.89 -9.88
CA GLY B 101 -16.64 -14.54 -10.45
C GLY B 101 -17.16 -13.15 -10.10
N LEU B 102 -17.83 -12.52 -11.06
CA LEU B 102 -18.34 -11.14 -10.91
C LEU B 102 -19.55 -11.00 -9.97
N SER B 103 -20.16 -12.12 -9.60
CA SER B 103 -21.21 -12.11 -8.62
C SER B 103 -21.03 -13.32 -7.70
N VAL B 104 -21.87 -13.40 -6.67
CA VAL B 104 -21.88 -14.56 -5.78
C VAL B 104 -22.60 -15.73 -6.48
N GLU B 105 -23.55 -15.40 -7.35
CA GLU B 105 -24.24 -16.40 -8.18
C GLU B 105 -23.25 -17.09 -9.12
N GLU B 106 -22.41 -16.27 -9.75
CA GLU B 106 -21.40 -16.76 -10.70
C GLU B 106 -20.47 -17.76 -10.00
N ASN B 107 -19.98 -17.41 -8.80
CA ASN B 107 -19.13 -18.30 -8.01
C ASN B 107 -19.79 -19.63 -7.61
N VAL B 108 -20.92 -19.53 -6.94
CA VAL B 108 -21.79 -20.68 -6.62
C VAL B 108 -21.99 -21.62 -7.84
N ALA B 109 -22.37 -21.04 -8.97
CA ALA B 109 -22.50 -21.81 -10.22
C ALA B 109 -21.22 -22.57 -10.67
N MET B 110 -20.06 -22.08 -10.24
CA MET B 110 -18.77 -22.66 -10.62
C MET B 110 -18.28 -23.67 -9.61
N VAL B 111 -18.44 -23.38 -8.33
CA VAL B 111 -17.94 -24.32 -7.33
C VAL B 111 -18.67 -25.69 -7.34
N ARG B 112 -19.99 -25.68 -7.50
CA ARG B 112 -20.76 -26.93 -7.51
C ARG B 112 -20.27 -27.87 -8.61
N ARG B 113 -19.90 -27.29 -9.75
CA ARG B 113 -19.33 -28.07 -10.87
C ARG B 113 -17.89 -28.51 -10.60
N LEU B 114 -17.20 -27.75 -9.76
CA LEU B 114 -15.83 -28.06 -9.43
C LEU B 114 -15.72 -29.14 -8.36
N ALA B 115 -16.63 -29.11 -7.37
CA ALA B 115 -16.61 -30.06 -6.24
C ALA B 115 -16.37 -31.54 -6.61
N PRO B 116 -17.17 -32.07 -7.57
CA PRO B 116 -16.94 -33.44 -8.04
C PRO B 116 -15.52 -33.69 -8.51
N VAL B 117 -14.96 -32.74 -9.24
CA VAL B 117 -13.57 -32.87 -9.76
C VAL B 117 -12.52 -32.82 -8.65
N ALA B 118 -12.75 -31.91 -7.69
CA ALA B 118 -11.92 -31.79 -6.49
C ALA B 118 -11.92 -33.12 -5.71
N GLN B 119 -13.11 -33.63 -5.44
CA GLN B 119 -13.26 -34.96 -4.89
C GLN B 119 -12.50 -35.98 -5.71
N GLU B 120 -12.90 -36.12 -6.96
CA GLU B 120 -12.33 -37.13 -7.85
C GLU B 120 -10.82 -36.99 -8.04
N LYS B 121 -10.36 -35.79 -8.41
CA LYS B 121 -8.99 -35.59 -8.88
C LYS B 121 -8.06 -34.88 -7.90
N GLY B 122 -8.61 -34.26 -6.86
CA GLY B 122 -7.80 -33.61 -5.82
C GLY B 122 -7.46 -32.12 -6.02
N VAL B 123 -7.86 -31.53 -7.14
CA VAL B 123 -7.65 -30.09 -7.42
C VAL B 123 -8.11 -29.20 -6.26
N LEU B 124 -7.48 -28.04 -6.10
CA LEU B 124 -7.77 -27.17 -4.97
C LEU B 124 -8.30 -25.80 -5.39
N LEU B 125 -9.25 -25.30 -4.62
CA LEU B 125 -9.96 -24.07 -4.95
C LEU B 125 -9.36 -22.87 -4.19
N GLU B 126 -8.82 -21.90 -4.95
CA GLU B 126 -8.42 -20.60 -4.38
C GLU B 126 -9.43 -19.54 -4.84
N LEU B 127 -10.31 -19.14 -3.93
CA LEU B 127 -11.32 -18.16 -4.23
C LEU B 127 -10.73 -16.77 -4.13
N ASN B 128 -10.87 -15.99 -5.20
CA ASN B 128 -10.42 -14.62 -5.24
C ASN B 128 -11.48 -13.56 -4.81
N LEU B 129 -11.34 -13.07 -3.58
CA LEU B 129 -12.14 -11.94 -3.07
C LEU B 129 -11.57 -10.56 -3.44
N SER B 130 -10.72 -10.51 -4.47
CA SER B 130 -10.17 -9.27 -5.03
C SER B 130 -10.67 -9.13 -6.49
N CYS B 131 -11.83 -8.51 -6.63
CA CYS B 131 -12.51 -8.35 -7.92
C CYS B 131 -13.68 -7.36 -7.79
N PRO B 132 -14.33 -7.03 -8.93
CA PRO B 132 -15.69 -6.46 -8.92
C PRO B 132 -16.57 -7.18 -7.88
N ASN B 133 -17.50 -6.53 -7.17
CA ASN B 133 -18.11 -5.18 -7.43
C ASN B 133 -17.22 -3.90 -7.35
N VAL B 134 -17.64 -2.74 -7.90
CA VAL B 134 -18.84 -2.53 -8.78
C VAL B 134 -18.60 -1.65 -10.03
N PRO B 135 -18.68 -0.28 -9.96
CA PRO B 135 -18.49 0.82 -8.97
C PRO B 135 -19.67 1.35 -8.15
N GLY B 136 -19.37 2.31 -7.26
CA GLY B 136 -20.31 2.80 -6.24
C GLY B 136 -20.14 2.10 -4.89
N LYS B 137 -19.34 1.04 -4.86
CA LYS B 137 -19.11 0.21 -3.68
C LYS B 137 -17.80 -0.59 -3.75
N PRO B 138 -17.13 -0.80 -2.60
CA PRO B 138 -15.75 -1.31 -2.59
C PRO B 138 -15.61 -2.76 -3.01
N GLN B 139 -14.37 -3.19 -3.25
CA GLN B 139 -14.05 -4.60 -3.49
C GLN B 139 -14.71 -5.47 -2.41
N VAL B 140 -15.01 -6.72 -2.74
CA VAL B 140 -15.68 -7.63 -1.78
C VAL B 140 -14.94 -7.73 -0.45
N ALA B 141 -13.62 -7.80 -0.53
CA ALA B 141 -12.78 -7.94 0.67
C ALA B 141 -12.75 -6.71 1.58
N TYR B 142 -13.01 -5.52 1.04
CA TYR B 142 -13.08 -4.32 1.86
C TYR B 142 -14.54 -4.01 2.21
N ASP B 143 -15.37 -5.04 2.18
CA ASP B 143 -16.79 -4.91 2.51
C ASP B 143 -17.15 -6.16 3.27
N PHE B 144 -17.07 -6.09 4.60
CA PHE B 144 -17.07 -7.30 5.41
C PHE B 144 -18.41 -8.01 5.46
N GLU B 145 -19.48 -7.34 5.06
CA GLU B 145 -20.77 -7.99 4.89
C GLU B 145 -20.77 -8.81 3.60
N ALA B 146 -20.34 -8.18 2.51
CA ALA B 146 -20.27 -8.85 1.21
C ALA B 146 -19.34 -10.07 1.25
N MET B 147 -18.20 -9.97 1.93
CA MET B 147 -17.32 -11.14 2.15
C MET B 147 -18.09 -12.31 2.81
N ARG B 148 -18.85 -12.03 3.88
CA ARG B 148 -19.55 -13.09 4.65
C ARG B 148 -20.55 -13.86 3.80
N THR B 149 -21.23 -13.13 2.94
CA THR B 149 -22.13 -13.72 1.96
C THR B 149 -21.33 -14.62 1.03
N TYR B 150 -20.28 -14.07 0.40
CA TYR B 150 -19.48 -14.86 -0.54
C TYR B 150 -18.99 -16.18 0.06
N LEU B 151 -18.55 -16.14 1.33
CA LEU B 151 -18.03 -17.30 2.05
C LEU B 151 -19.11 -18.29 2.44
N GLN B 152 -20.24 -17.77 2.95
CA GLN B 152 -21.40 -18.59 3.27
C GLN B 152 -21.80 -19.41 2.09
N GLN B 153 -22.07 -18.70 0.99
CA GLN B 153 -22.69 -19.25 -0.22
C GLN B 153 -21.78 -20.22 -0.98
N VAL B 154 -20.48 -19.93 -0.95
CA VAL B 154 -19.49 -20.81 -1.50
C VAL B 154 -19.24 -21.98 -0.54
N SER B 155 -19.14 -21.69 0.76
CA SER B 155 -18.98 -22.77 1.73
C SER B 155 -20.09 -23.81 1.55
N LEU B 156 -21.31 -23.31 1.34
CA LEU B 156 -22.49 -24.17 1.23
C LEU B 156 -22.51 -24.91 -0.10
N ALA B 157 -22.04 -24.24 -1.14
CA ALA B 157 -22.06 -24.78 -2.49
C ALA B 157 -20.97 -25.83 -2.71
N TYR B 158 -19.74 -25.49 -2.32
CA TYR B 158 -18.61 -26.34 -2.62
C TYR B 158 -18.54 -27.52 -1.64
N GLY B 159 -18.50 -27.24 -0.34
CA GLY B 159 -18.54 -28.27 0.69
C GLY B 159 -17.25 -29.07 0.96
N LEU B 160 -16.14 -28.64 0.36
CA LEU B 160 -14.82 -29.23 0.66
C LEU B 160 -13.91 -28.10 1.07
N PRO B 161 -12.77 -28.42 1.70
CA PRO B 161 -11.89 -27.32 2.09
C PRO B 161 -11.42 -26.55 0.89
N PHE B 162 -11.36 -25.23 1.06
CA PHE B 162 -10.80 -24.34 0.05
C PHE B 162 -10.09 -23.18 0.74
N GLY B 163 -9.52 -22.31 -0.09
CA GLY B 163 -8.87 -21.11 0.40
C GLY B 163 -9.25 -19.89 -0.40
N VAL B 164 -8.77 -18.77 0.11
CA VAL B 164 -9.20 -17.45 -0.29
C VAL B 164 -7.98 -16.56 -0.60
N LYS B 165 -8.10 -15.76 -1.64
CA LYS B 165 -7.09 -14.78 -2.04
C LYS B 165 -7.59 -13.45 -1.57
N MET B 166 -6.84 -12.89 -0.61
CA MET B 166 -7.13 -11.62 0.02
C MET B 166 -6.27 -10.47 -0.54
N PRO B 167 -6.87 -9.27 -0.65
CA PRO B 167 -6.11 -8.09 -0.91
C PRO B 167 -5.50 -7.56 0.40
N PRO B 168 -4.48 -6.70 0.31
CA PRO B 168 -3.82 -6.23 1.53
C PRO B 168 -4.72 -5.31 2.33
N TYR B 169 -4.66 -5.42 3.66
CA TYR B 169 -5.17 -4.38 4.55
C TYR B 169 -4.01 -3.57 5.15
N PHE B 170 -4.34 -2.41 5.70
CA PHE B 170 -3.35 -1.43 6.18
C PHE B 170 -3.66 -0.90 7.58
N ASP B 171 -4.78 -1.35 8.12
CA ASP B 171 -5.32 -0.91 9.37
C ASP B 171 -5.47 -2.15 10.28
N ILE B 172 -5.13 -1.96 11.56
CA ILE B 172 -5.24 -3.04 12.54
C ILE B 172 -6.67 -3.50 12.73
N ALA B 173 -7.60 -2.56 12.82
CA ALA B 173 -9.02 -2.90 13.00
C ALA B 173 -9.58 -3.71 11.81
N HIS B 174 -8.99 -3.57 10.62
CA HIS B 174 -9.38 -4.45 9.53
C HIS B 174 -8.81 -5.84 9.65
N PHE B 175 -7.53 -5.94 9.98
CA PHE B 175 -7.00 -7.26 10.31
C PHE B 175 -7.90 -7.99 11.31
N ASP B 176 -8.34 -7.32 12.37
CA ASP B 176 -9.19 -7.97 13.40
C ASP B 176 -10.53 -8.38 12.81
N THR B 177 -11.20 -7.47 12.12
CA THR B 177 -12.51 -7.75 11.55
C THR B 177 -12.36 -8.83 10.46
N ALA B 178 -11.43 -8.60 9.54
CA ALA B 178 -11.19 -9.48 8.40
C ALA B 178 -11.07 -10.92 8.83
N ALA B 179 -10.23 -11.17 9.83
CA ALA B 179 -9.95 -12.51 10.30
C ALA B 179 -11.11 -13.15 11.06
N ALA B 180 -11.85 -12.35 11.85
CA ALA B 180 -13.07 -12.84 12.52
C ALA B 180 -14.04 -13.42 11.48
N VAL B 181 -14.15 -12.73 10.36
CA VAL B 181 -14.99 -13.19 9.27
C VAL B 181 -14.52 -14.55 8.76
N LEU B 182 -13.21 -14.69 8.52
CA LEU B 182 -12.68 -15.91 7.93
C LEU B 182 -12.69 -17.09 8.90
N ASN B 183 -12.59 -16.77 10.18
CA ASN B 183 -12.66 -17.77 11.24
C ASN B 183 -14.08 -18.34 11.45
N GLU B 184 -15.08 -17.63 10.96
CA GLU B 184 -16.45 -18.17 10.94
C GLU B 184 -16.60 -19.38 10.03
N PHE B 185 -15.65 -19.58 9.12
CA PHE B 185 -15.79 -20.63 8.12
C PHE B 185 -14.72 -21.70 8.21
N PRO B 186 -15.08 -22.85 8.79
CA PRO B 186 -14.14 -23.96 8.93
C PRO B 186 -13.61 -24.54 7.61
N LEU B 187 -14.33 -24.35 6.50
CA LEU B 187 -13.87 -24.85 5.18
C LEU B 187 -12.78 -23.97 4.58
N VAL B 188 -12.67 -22.72 5.04
CA VAL B 188 -11.62 -21.84 4.58
C VAL B 188 -10.34 -22.25 5.29
N LYS B 189 -9.53 -23.11 4.66
CA LYS B 189 -8.40 -23.72 5.36
C LYS B 189 -7.08 -23.01 5.10
N PHE B 190 -7.09 -22.07 4.16
CA PHE B 190 -5.89 -21.30 3.85
C PHE B 190 -6.27 -19.94 3.30
N VAL B 191 -5.39 -18.97 3.58
CA VAL B 191 -5.54 -17.60 3.15
C VAL B 191 -4.26 -17.19 2.42
N THR B 192 -4.44 -16.62 1.24
CA THR B 192 -3.35 -16.13 0.44
C THR B 192 -3.30 -14.61 0.57
N CYS B 193 -2.24 -14.18 1.28
CA CYS B 193 -1.87 -12.77 1.44
C CYS B 193 -0.59 -12.56 0.64
N VAL B 194 -0.62 -11.68 -0.35
CA VAL B 194 -1.68 -10.71 -0.60
C VAL B 194 -1.82 -10.51 -2.11
N ASN B 195 -2.98 -10.04 -2.54
CA ASN B 195 -3.15 -9.69 -3.95
C ASN B 195 -2.36 -8.38 -4.27
N SER B 196 -2.38 -7.91 -5.51
CA SER B 196 -1.65 -6.68 -5.85
C SER B 196 -2.12 -5.53 -4.99
N VAL B 197 -1.21 -4.62 -4.68
CA VAL B 197 -1.60 -3.44 -3.93
C VAL B 197 -2.39 -2.51 -4.88
N GLY B 198 -3.63 -2.25 -4.50
CA GLY B 198 -4.63 -1.63 -5.35
C GLY B 198 -4.44 -0.18 -5.77
N ASN B 199 -4.65 0.04 -7.06
CA ASN B 199 -4.81 1.34 -7.64
C ASN B 199 -3.58 2.28 -7.55
N GLY B 200 -2.37 1.73 -7.55
CA GLY B 200 -1.17 2.54 -7.72
C GLY B 200 -1.14 3.15 -9.13
N LEU B 201 -0.10 3.92 -9.41
CA LEU B 201 -0.02 4.73 -10.62
C LEU B 201 1.44 5.00 -10.99
N VAL B 202 1.90 4.47 -12.10
CA VAL B 202 3.26 4.75 -12.53
C VAL B 202 3.20 5.72 -13.68
N ILE B 203 4.00 6.77 -13.57
CA ILE B 203 4.12 7.78 -14.59
C ILE B 203 5.54 7.76 -15.13
N ASP B 204 5.65 7.83 -16.45
CA ASP B 204 6.93 7.87 -17.10
C ASP B 204 7.32 9.32 -17.27
N ALA B 205 8.51 9.69 -16.80
CA ALA B 205 8.93 11.07 -16.79
C ALA B 205 9.29 11.61 -18.18
N GLU B 206 9.90 10.79 -19.04
CA GLU B 206 10.22 11.26 -20.42
C GLU B 206 8.95 11.55 -21.25
N SER B 207 8.11 10.54 -21.42
CA SER B 207 6.87 10.71 -22.14
C SER B 207 5.88 11.62 -21.40
N GLU B 208 5.98 11.63 -20.07
CA GLU B 208 5.01 12.32 -19.23
C GLU B 208 3.62 11.72 -19.41
N SER B 209 3.61 10.40 -19.50
CA SER B 209 2.43 9.62 -19.79
C SER B 209 2.37 8.51 -18.76
N VAL B 210 1.17 8.12 -18.37
CA VAL B 210 0.99 6.85 -17.66
C VAL B 210 1.46 5.72 -18.56
N VAL B 211 1.62 4.54 -17.96
CA VAL B 211 2.20 3.41 -18.65
C VAL B 211 1.20 2.29 -18.98
N ILE B 212 -0.03 2.39 -18.49
CA ILE B 212 -1.04 1.39 -18.82
C ILE B 212 -2.34 2.06 -19.23
N LYS B 213 -2.90 1.57 -20.33
CA LYS B 213 -3.99 2.27 -21.00
C LYS B 213 -5.23 2.32 -20.13
N PRO B 214 -5.76 1.17 -19.72
CA PRO B 214 -6.96 1.17 -18.87
C PRO B 214 -6.89 2.09 -17.64
N LYS B 215 -8.06 2.60 -17.25
CA LYS B 215 -8.24 3.34 -16.00
C LYS B 215 -7.28 4.53 -15.83
N GLN B 216 -7.09 5.29 -16.89
CA GLN B 216 -6.20 6.43 -16.83
C GLN B 216 -4.84 6.09 -16.18
N GLY B 217 -4.35 4.86 -16.37
CA GLY B 217 -3.02 4.45 -15.87
C GLY B 217 -2.94 3.79 -14.51
N PHE B 218 -4.08 3.73 -13.84
CA PHE B 218 -4.17 3.24 -12.48
C PHE B 218 -4.20 1.73 -12.51
N GLY B 219 -3.48 1.08 -11.61
CA GLY B 219 -3.50 -0.38 -11.57
C GLY B 219 -2.90 -0.97 -10.30
N GLY B 220 -2.83 -2.30 -10.27
CA GLY B 220 -2.33 -3.04 -9.13
C GLY B 220 -0.81 -3.15 -9.14
N LEU B 221 -0.23 -3.07 -7.95
CA LEU B 221 1.21 -3.09 -7.82
C LEU B 221 1.69 -4.45 -7.33
N GLY B 222 2.82 -4.89 -7.86
CA GLY B 222 3.53 -5.97 -7.22
C GLY B 222 5.02 -5.81 -7.38
N GLY B 223 5.77 -6.67 -6.71
CA GLY B 223 7.21 -6.66 -6.79
C GLY B 223 7.76 -6.06 -5.51
N LYS B 224 8.99 -5.56 -5.58
CA LYS B 224 9.68 -5.02 -4.42
C LYS B 224 8.87 -3.93 -3.71
N TYR B 225 8.12 -3.13 -4.46
CA TYR B 225 7.26 -2.12 -3.84
C TYR B 225 6.43 -2.66 -2.67
N ILE B 226 5.90 -3.88 -2.75
CA ILE B 226 4.89 -4.36 -1.78
C ILE B 226 5.39 -5.38 -0.75
N LEU B 227 6.68 -5.64 -0.72
CA LEU B 227 7.15 -6.74 0.10
C LEU B 227 6.73 -6.62 1.57
N PRO B 228 6.93 -5.47 2.20
CA PRO B 228 6.67 -5.43 3.65
C PRO B 228 5.17 -5.36 3.96
N THR B 229 4.39 -4.94 2.97
CA THR B 229 2.95 -5.07 3.03
C THR B 229 2.57 -6.56 3.00
N ALA B 230 3.24 -7.35 2.18
CA ALA B 230 2.85 -8.76 2.11
C ALA B 230 3.28 -9.47 3.39
N LEU B 231 4.49 -9.18 3.86
CA LEU B 231 4.95 -9.73 5.12
C LEU B 231 4.08 -9.32 6.27
N ALA B 232 3.54 -8.13 6.27
CA ALA B 232 2.61 -7.72 7.37
C ALA B 232 1.28 -8.49 7.37
N ASN B 233 0.71 -8.75 6.20
CA ASN B 233 -0.58 -9.46 6.13
C ASN B 233 -0.40 -10.97 6.33
N VAL B 234 0.70 -11.52 5.83
CA VAL B 234 1.00 -12.90 6.09
C VAL B 234 1.00 -13.06 7.58
N ASN B 235 1.91 -12.36 8.22
CA ASN B 235 2.03 -12.44 9.68
C ASN B 235 0.79 -12.05 10.45
N ALA B 236 0.04 -11.06 9.98
CA ALA B 236 -1.10 -10.58 10.75
C ALA B 236 -2.20 -11.62 10.81
N PHE B 237 -2.33 -12.40 9.73
CA PHE B 237 -3.36 -13.44 9.57
C PHE B 237 -2.80 -14.81 9.96
N TYR B 238 -1.49 -14.91 10.05
CA TYR B 238 -0.88 -16.05 10.68
C TYR B 238 -1.24 -16.06 12.12
N ARG B 239 -1.21 -14.88 12.72
CA ARG B 239 -1.41 -14.76 14.16
C ARG B 239 -2.90 -14.93 14.53
N ARG B 240 -3.80 -14.41 13.71
CA ARG B 240 -5.23 -14.46 14.03
C ARG B 240 -5.93 -15.70 13.45
N CYS B 241 -5.19 -16.54 12.76
CA CYS B 241 -5.81 -17.75 12.19
C CYS B 241 -4.96 -18.99 12.51
N PRO B 242 -5.08 -19.47 13.76
CA PRO B 242 -4.21 -20.56 14.20
C PRO B 242 -4.61 -21.88 13.57
N ASP B 243 -5.88 -22.03 13.22
CA ASP B 243 -6.41 -23.23 12.53
C ASP B 243 -6.46 -23.13 11.00
N LYS B 244 -5.83 -22.13 10.41
CA LYS B 244 -5.69 -22.05 8.95
C LYS B 244 -4.23 -22.03 8.58
N LEU B 245 -3.94 -22.37 7.33
CA LEU B 245 -2.61 -22.12 6.80
C LEU B 245 -2.63 -20.70 6.24
N VAL B 246 -1.45 -20.13 6.09
CA VAL B 246 -1.24 -18.90 5.34
C VAL B 246 -0.27 -19.21 4.20
N PHE B 247 -0.63 -18.72 3.00
CA PHE B 247 0.22 -18.77 1.80
C PHE B 247 0.61 -17.33 1.57
N GLY B 248 1.91 -17.09 1.45
CA GLY B 248 2.42 -15.76 1.34
C GLY B 248 2.59 -15.48 -0.12
N CYS B 249 2.33 -14.23 -0.48
CA CYS B 249 2.46 -13.79 -1.87
C CYS B 249 2.71 -12.33 -1.85
N GLY B 250 3.77 -11.95 -2.54
CA GLY B 250 4.03 -10.55 -2.75
C GLY B 250 5.49 -10.23 -2.58
N GLY B 251 6.17 -10.10 -3.70
CA GLY B 251 7.48 -9.49 -3.72
C GLY B 251 8.57 -10.48 -3.44
N VAL B 252 8.44 -11.69 -3.97
CA VAL B 252 9.53 -12.65 -3.82
C VAL B 252 10.39 -12.60 -5.07
N TYR B 253 11.64 -12.19 -4.88
CA TYR B 253 12.64 -12.22 -5.93
C TYR B 253 13.74 -13.21 -5.62
N SER B 254 13.90 -13.54 -4.35
CA SER B 254 14.97 -14.39 -3.88
C SER B 254 14.49 -15.41 -2.86
N GLY B 255 15.43 -16.26 -2.47
CA GLY B 255 15.26 -17.18 -1.34
C GLY B 255 15.15 -16.44 -0.01
N GLU B 256 15.87 -15.33 0.13
CA GLU B 256 15.78 -14.52 1.33
C GLU B 256 14.38 -13.95 1.45
N ASP B 257 13.78 -13.61 0.33
CA ASP B 257 12.46 -13.03 0.36
C ASP B 257 11.44 -14.08 0.84
N ALA B 258 11.60 -15.29 0.32
CA ALA B 258 10.83 -16.45 0.76
C ALA B 258 11.06 -16.76 2.23
N PHE B 259 12.33 -16.81 2.61
CA PHE B 259 12.67 -17.10 4.02
C PHE B 259 11.86 -16.19 4.93
N LEU B 260 11.83 -14.89 4.63
CA LEU B 260 11.09 -13.93 5.44
C LEU B 260 9.58 -14.21 5.43
N HIS B 261 9.03 -14.48 4.26
CA HIS B 261 7.63 -14.83 4.15
C HIS B 261 7.32 -16.01 5.07
N ILE B 262 8.21 -17.00 5.05
CA ILE B 262 7.97 -18.18 5.85
C ILE B 262 8.04 -17.79 7.31
N LEU B 263 9.00 -16.95 7.65
CA LEU B 263 9.17 -16.52 9.04
C LEU B 263 7.92 -15.84 9.53
N ALA B 264 7.28 -15.10 8.63
CA ALA B 264 6.05 -14.41 8.96
C ALA B 264 4.89 -15.39 9.19
N GLY B 265 5.05 -16.66 8.80
CA GLY B 265 4.01 -17.66 8.96
C GLY B 265 3.59 -18.37 7.68
N ALA B 266 4.27 -18.12 6.57
CA ALA B 266 3.85 -18.66 5.26
C ALA B 266 4.19 -20.14 5.12
N SER B 267 3.21 -20.92 4.64
CA SER B 267 3.36 -22.33 4.29
C SER B 267 3.80 -22.46 2.84
N MET B 268 2.97 -21.93 1.94
CA MET B 268 3.33 -21.77 0.52
C MET B 268 3.80 -20.35 0.24
N VAL B 269 4.75 -20.22 -0.68
CA VAL B 269 5.22 -18.94 -1.11
C VAL B 269 4.95 -18.81 -2.59
N GLN B 270 4.29 -17.72 -2.95
CA GLN B 270 3.86 -17.47 -4.32
C GLN B 270 4.78 -16.50 -5.03
N VAL B 271 4.97 -16.71 -6.32
CA VAL B 271 5.79 -15.82 -7.11
C VAL B 271 4.94 -15.35 -8.29
N GLY B 272 4.82 -14.02 -8.40
CA GLY B 272 4.08 -13.36 -9.45
C GLY B 272 5.04 -12.50 -10.25
N THR B 273 5.24 -11.23 -9.86
CA THR B 273 6.04 -10.29 -10.67
C THR B 273 7.39 -10.89 -11.14
N ALA B 274 8.18 -11.33 -10.18
CA ALA B 274 9.52 -11.85 -10.50
C ALA B 274 9.43 -12.98 -11.49
N LEU B 275 8.41 -13.81 -11.33
CA LEU B 275 8.17 -14.93 -12.27
C LEU B 275 7.86 -14.38 -13.65
N GLN B 276 6.96 -13.42 -13.70
CA GLN B 276 6.60 -12.81 -14.95
C GLN B 276 7.81 -12.20 -15.62
N GLU B 277 8.79 -11.78 -14.83
CA GLU B 277 9.98 -11.10 -15.40
C GLU B 277 11.14 -12.02 -15.73
N GLU B 278 11.31 -13.13 -15.04
CA GLU B 278 12.51 -13.94 -15.21
C GLU B 278 12.21 -15.27 -15.89
N GLY B 279 10.97 -15.73 -15.77
CA GLY B 279 10.55 -17.04 -16.26
C GLY B 279 10.64 -18.13 -15.20
N PRO B 280 10.19 -19.35 -15.55
CA PRO B 280 10.10 -20.48 -14.62
C PRO B 280 11.42 -21.03 -14.10
N GLY B 281 12.52 -20.74 -14.83
CA GLY B 281 13.89 -21.00 -14.31
C GLY B 281 14.11 -20.48 -12.89
N ILE B 282 13.31 -19.49 -12.51
CA ILE B 282 13.37 -18.83 -11.21
C ILE B 282 13.06 -19.78 -10.06
N PHE B 283 12.45 -20.92 -10.38
CA PHE B 283 12.13 -21.86 -9.32
C PHE B 283 13.35 -22.65 -8.83
N THR B 284 14.31 -22.91 -9.71
CA THR B 284 15.54 -23.57 -9.29
C THR B 284 16.44 -22.66 -8.45
N ARG B 285 16.42 -21.38 -8.77
CA ARG B 285 17.21 -20.42 -8.04
C ARG B 285 16.62 -20.19 -6.68
N LEU B 286 15.32 -19.91 -6.65
CA LEU B 286 14.62 -19.68 -5.39
C LEU B 286 14.82 -20.85 -4.43
N GLU B 287 14.62 -22.07 -4.92
CA GLU B 287 14.96 -23.28 -4.14
C GLU B 287 16.40 -23.28 -3.61
N ASP B 288 17.36 -23.03 -4.50
CA ASP B 288 18.76 -23.09 -4.11
C ASP B 288 19.05 -22.09 -2.99
N GLU B 289 18.62 -20.83 -3.19
CA GLU B 289 18.95 -19.78 -2.25
C GLU B 289 18.33 -20.08 -0.90
N LEU B 290 17.03 -20.38 -0.88
CA LEU B 290 16.35 -20.71 0.37
C LEU B 290 17.08 -21.83 1.10
N LEU B 291 17.41 -22.89 0.38
CA LEU B 291 18.16 -23.99 0.97
C LEU B 291 19.53 -23.53 1.50
N GLU B 292 20.15 -22.58 0.81
CA GLU B 292 21.47 -22.10 1.19
C GLU B 292 21.40 -21.31 2.48
N ILE B 293 20.37 -20.47 2.61
CA ILE B 293 20.05 -19.78 3.87
C ILE B 293 19.85 -20.76 5.01
N MET B 294 19.08 -21.81 4.75
CA MET B 294 18.76 -22.76 5.81
C MET B 294 20.01 -23.41 6.36
N ALA B 295 20.87 -23.87 5.45
CA ALA B 295 22.12 -24.54 5.80
C ALA B 295 23.03 -23.64 6.60
N ARG B 296 23.17 -22.41 6.15
CA ARG B 296 24.02 -21.45 6.83
C ARG B 296 23.56 -21.24 8.30
N LYS B 297 22.24 -21.35 8.54
CA LYS B 297 21.64 -21.09 9.85
C LYS B 297 21.39 -22.35 10.68
N GLY B 298 21.54 -23.53 10.06
CA GLY B 298 21.34 -24.80 10.75
C GLY B 298 19.89 -25.27 10.85
N TYR B 299 19.06 -24.84 9.89
CA TYR B 299 17.68 -25.31 9.78
C TYR B 299 17.58 -26.49 8.81
N ARG B 300 16.91 -27.55 9.24
CA ARG B 300 16.66 -28.73 8.41
C ARG B 300 15.25 -28.75 7.86
N THR B 301 14.34 -28.03 8.51
CA THR B 301 12.95 -28.00 8.08
C THR B 301 12.36 -26.59 8.08
N LEU B 302 11.35 -26.44 7.24
CA LEU B 302 10.54 -25.24 7.16
C LEU B 302 9.79 -25.04 8.47
N GLU B 303 9.25 -26.12 9.05
CA GLU B 303 8.54 -26.04 10.35
C GLU B 303 9.42 -25.40 11.43
N GLU B 304 10.74 -25.55 11.33
CA GLU B 304 11.64 -25.06 12.37
C GLU B 304 11.58 -23.54 12.55
N PHE B 305 11.37 -22.80 11.46
CA PHE B 305 11.27 -21.32 11.52
C PHE B 305 9.96 -20.71 11.00
N ARG B 306 9.02 -21.52 10.54
CA ARG B 306 7.73 -20.97 10.12
C ARG B 306 7.04 -20.24 11.27
N GLY B 307 6.78 -18.96 11.04
CA GLY B 307 5.95 -18.16 11.95
C GLY B 307 6.72 -17.62 13.12
N ARG B 308 8.05 -17.72 13.08
CA ARG B 308 8.86 -17.55 14.27
C ARG B 308 9.66 -16.27 14.31
N VAL B 309 9.31 -15.32 13.46
CA VAL B 309 9.92 -13.99 13.52
C VAL B 309 9.88 -13.46 14.95
N LYS B 310 10.95 -12.84 15.36
CA LYS B 310 11.08 -12.33 16.72
C LYS B 310 10.62 -10.88 16.79
N THR B 311 9.89 -10.57 17.85
CA THR B 311 9.59 -9.21 18.17
C THR B 311 10.66 -8.81 19.17
N ILE B 312 10.72 -7.52 19.51
CA ILE B 312 11.71 -7.00 20.46
C ILE B 312 11.07 -6.75 21.82
N GLU B 313 11.57 -7.44 22.86
CA GLU B 313 11.09 -7.34 24.27
C GLU B 313 9.55 -7.54 24.45
#